data_6W86
#
_entry.id   6W86
#
_cell.length_a   67.317
_cell.length_b   120.133
_cell.length_c   129.431
_cell.angle_alpha   90
_cell.angle_beta   90
_cell.angle_gamma   90
#
_symmetry.space_group_name_H-M   'P 21 21 21'
#
loop_
_entity.id
_entity.type
_entity.pdbx_description
1 polymer 'Potassium channel subfamily K member 2'
2 non-polymer 'POTASSIUM ION'
3 non-polymer N-[(2,4-dichlorophenyl)methyl]-4-[(methylsulfonyl)amino]benzamide
4 non-polymer N-OCTANE
5 non-polymer PENTANE
6 non-polymer DODECANE
7 non-polymer 'CADMIUM ION'
8 non-polymer HEXADECANE
9 non-polymer DECANE
#
_entity_poly.entity_id   1
_entity_poly.type   'polypeptide(L)'
_entity_poly.pdbx_seq_one_letter_code
;MSFSSKPTVLASRVESDSAINVMKWKTVSTIFLVVVLYLIIGATVFKALEQPQEISQRTTIVIQREKFLRAHPCVSDQEL
DELIQQIVAAINAGIIPLGASSNQVSHWDLGSSFFFAGTVITTIGFGNISPRTEGGKIFCIIYALLGIPLFGFLLAGVGD
QLGTIFGKGIAKVEDTFIKWNVSQTKIRIISTIIFILFGCVLFVALPAVIFKHIEGWSALDAIYFVVITLTTIGFGDYVA
GGSDIEYLDFYKPVVWFWILVGLAYFAAVLSMIGDWLRVIAKKTKEAVGEFRAHAAEWTANVTSNSLEVLFQ
;
_entity_poly.pdbx_strand_id   A,B
#
loop_
_chem_comp.id
_chem_comp.type
_chem_comp.name
_chem_comp.formula
CD non-polymer 'CADMIUM ION' 'Cd 2'
D10 non-polymer DECANE 'C10 H22'
D12 non-polymer DODECANE 'C12 H26'
K non-polymer 'POTASSIUM ION' 'K 1'
LNK non-polymer PENTANE 'C5 H12'
OCT non-polymer N-OCTANE 'C8 H18'
Q6F non-polymer N-[(2,4-dichlorophenyl)methyl]-4-[(methylsulfonyl)amino]benzamide 'C15 H14 Cl2 N2 O3 S'
R16 non-polymer HEXADECANE 'C16 H34'
#
# COMPACT_ATOMS: atom_id res chain seq x y z
N SER A 16 -26.21 -31.82 -6.42
CA SER A 16 -24.86 -31.67 -7.04
C SER A 16 -24.07 -30.43 -6.51
N ASP A 17 -23.44 -30.63 -5.34
CA ASP A 17 -22.61 -29.62 -4.66
C ASP A 17 -21.27 -29.32 -5.39
N SER A 18 -20.66 -30.35 -5.98
CA SER A 18 -19.45 -30.17 -6.77
C SER A 18 -19.71 -29.59 -8.15
N ALA A 19 -20.96 -29.63 -8.62
CA ALA A 19 -21.35 -28.95 -9.85
C ALA A 19 -21.20 -27.42 -9.77
N ILE A 20 -21.58 -26.81 -8.65
CA ILE A 20 -21.40 -25.35 -8.44
C ILE A 20 -19.92 -24.99 -8.17
N ASN A 21 -19.17 -25.90 -7.54
CA ASN A 21 -17.75 -25.71 -7.23
C ASN A 21 -16.89 -25.64 -8.50
N VAL A 22 -17.26 -26.44 -9.50
CA VAL A 22 -16.60 -26.42 -10.81
C VAL A 22 -16.92 -25.12 -11.52
N MET A 23 -18.16 -24.62 -11.40
CA MET A 23 -18.51 -23.29 -11.95
C MET A 23 -17.64 -22.20 -11.32
N LYS A 24 -17.50 -22.24 -10.00
CA LYS A 24 -16.69 -21.24 -9.27
C LYS A 24 -15.23 -21.22 -9.69
N TRP A 25 -14.58 -22.37 -9.71
CA TRP A 25 -13.18 -22.46 -10.15
C TRP A 25 -13.00 -21.99 -11.60
N LYS A 26 -14.02 -22.19 -12.44
CA LYS A 26 -14.01 -21.65 -13.82
C LYS A 26 -14.03 -20.12 -13.85
N THR A 27 -14.77 -19.52 -12.92
CA THR A 27 -14.80 -18.06 -12.81
C THR A 27 -13.44 -17.54 -12.34
N VAL A 28 -12.94 -18.07 -11.22
CA VAL A 28 -11.66 -17.63 -10.60
C VAL A 28 -10.52 -17.64 -11.61
N SER A 29 -10.48 -18.72 -12.39
CA SER A 29 -9.43 -18.95 -13.38
C SER A 29 -9.40 -17.92 -14.49
N THR A 30 -10.53 -17.65 -15.16
CA THR A 30 -10.57 -16.65 -16.24
C THR A 30 -10.14 -15.27 -15.74
N ILE A 31 -10.56 -14.92 -14.51
CA ILE A 31 -10.16 -13.68 -13.85
C ILE A 31 -8.66 -13.71 -13.60
N PHE A 32 -8.19 -14.85 -13.11
CA PHE A 32 -6.77 -15.03 -12.87
C PHE A 32 -5.95 -14.74 -14.12
N LEU A 33 -6.37 -15.35 -15.24
CA LEU A 33 -5.72 -15.16 -16.54
C LEU A 33 -5.88 -13.75 -17.07
N VAL A 34 -7.03 -13.13 -16.85
CA VAL A 34 -7.17 -11.71 -17.12
C VAL A 34 -6.12 -10.92 -16.34
N VAL A 35 -5.97 -11.21 -15.04
CA VAL A 35 -5.03 -10.47 -14.19
C VAL A 35 -3.58 -10.77 -14.59
N VAL A 36 -3.29 -12.02 -14.94
CA VAL A 36 -1.94 -12.37 -15.43
C VAL A 36 -1.63 -11.58 -16.69
N LEU A 37 -2.59 -11.57 -17.58
CA LEU A 37 -2.46 -10.89 -18.86
C LEU A 37 -2.32 -9.39 -18.68
N TYR A 38 -3.09 -8.83 -17.73
CA TYR A 38 -3.02 -7.42 -17.32
C TYR A 38 -1.63 -7.03 -16.78
N LEU A 39 -0.97 -7.94 -16.06
CA LEU A 39 0.39 -7.69 -15.54
C LEU A 39 1.43 -7.67 -16.65
N ILE A 40 1.22 -8.52 -17.67
CA ILE A 40 2.15 -8.64 -18.81
C ILE A 40 2.09 -7.42 -19.72
N ILE A 41 0.88 -7.01 -20.08
CA ILE A 41 0.68 -5.76 -20.80
C ILE A 41 1.35 -4.65 -20.05
N GLY A 42 1.02 -4.55 -18.75
CA GLY A 42 1.57 -3.51 -17.89
C GLY A 42 3.07 -3.60 -17.78
N ALA A 43 3.58 -4.81 -17.58
CA ALA A 43 5.01 -5.04 -17.47
C ALA A 43 5.69 -4.39 -18.65
N THR A 44 5.27 -4.79 -19.84
CA THR A 44 5.87 -4.33 -21.12
C THR A 44 5.73 -2.83 -21.40
N VAL A 45 4.66 -2.20 -20.93
CA VAL A 45 4.48 -0.75 -21.06
C VAL A 45 5.34 0.04 -20.08
N PHE A 46 5.61 -0.52 -18.90
CA PHE A 46 6.50 0.10 -17.91
C PHE A 46 7.96 0.06 -18.34
N LYS A 47 8.41 -1.12 -18.78
CA LYS A 47 9.77 -1.31 -19.31
C LYS A 47 10.02 -0.51 -20.59
N ALA A 48 9.02 -0.46 -21.47
CA ALA A 48 9.05 0.49 -22.59
C ALA A 48 9.34 1.90 -22.08
N LEU A 49 8.58 2.33 -21.07
CA LEU A 49 8.67 3.69 -20.52
C LEU A 49 9.92 4.02 -19.70
N GLU A 50 10.43 3.07 -18.90
CA GLU A 50 11.47 3.33 -17.88
C GLU A 50 12.89 2.82 -18.17
N GLN A 51 13.03 1.80 -19.01
CA GLN A 51 14.36 1.29 -19.44
C GLN A 51 15.23 2.37 -20.16
N PRO A 52 14.60 3.25 -20.98
CA PRO A 52 15.32 4.40 -21.56
C PRO A 52 15.91 5.37 -20.53
N GLN A 53 15.08 5.96 -19.68
CA GLN A 53 15.54 6.91 -18.64
C GLN A 53 16.58 6.27 -17.70
N GLU A 54 16.44 4.99 -17.42
CA GLU A 54 17.40 4.25 -16.62
C GLU A 54 18.79 4.24 -17.28
N ILE A 55 18.83 4.02 -18.58
CA ILE A 55 20.08 3.98 -19.34
C ILE A 55 20.72 5.38 -19.43
N SER A 56 19.91 6.40 -19.67
CA SER A 56 20.43 7.76 -19.70
C SER A 56 20.99 8.17 -18.32
N GLN A 57 20.30 7.81 -17.24
CA GLN A 57 20.74 8.16 -15.87
C GLN A 57 21.95 7.34 -15.43
N ARG A 58 22.14 6.14 -15.99
CA ARG A 58 23.32 5.34 -15.64
C ARG A 58 24.57 5.78 -16.38
N THR A 59 24.41 6.23 -17.63
CA THR A 59 25.55 6.78 -18.35
C THR A 59 25.99 8.08 -17.65
N THR A 60 25.05 9.00 -17.43
CA THR A 60 25.39 10.31 -16.84
C THR A 60 25.76 10.29 -15.34
N ILE A 61 25.56 9.16 -14.63
CA ILE A 61 26.09 9.03 -13.26
C ILE A 61 27.52 8.50 -13.23
N VAL A 62 27.91 7.77 -14.28
CA VAL A 62 29.30 7.39 -14.49
C VAL A 62 30.10 8.58 -15.07
N ILE A 63 29.42 9.49 -15.79
CA ILE A 63 30.00 10.79 -16.21
C ILE A 63 30.36 11.68 -15.00
N GLN A 64 29.43 11.84 -14.06
CA GLN A 64 29.69 12.54 -12.79
C GLN A 64 30.82 11.87 -11.98
N ARG A 65 30.86 10.53 -11.98
CA ARG A 65 31.88 9.79 -11.22
C ARG A 65 33.29 10.12 -11.71
N GLU A 66 33.57 9.82 -12.99
CA GLU A 66 34.89 10.10 -13.58
C GLU A 66 35.19 11.60 -13.67
N LYS A 67 34.15 12.44 -13.73
CA LYS A 67 34.35 13.91 -13.68
C LYS A 67 34.84 14.36 -12.31
N PHE A 68 34.40 13.73 -11.22
CA PHE A 68 34.76 14.12 -9.86
C PHE A 68 36.17 13.65 -9.42
N LEU A 69 36.74 12.65 -10.08
CA LEU A 69 38.18 12.36 -9.91
C LEU A 69 39.06 13.45 -10.54
N ARG A 70 38.69 13.92 -11.74
CA ARG A 70 39.46 14.93 -12.48
C ARG A 70 39.32 16.39 -11.99
N ALA A 71 38.08 16.78 -11.68
CA ALA A 71 37.83 18.15 -11.20
C ALA A 71 38.34 18.39 -9.77
N HIS A 72 38.66 17.32 -9.04
CA HIS A 72 39.36 17.39 -7.74
C HIS A 72 40.35 16.22 -7.67
N PRO A 73 41.56 16.37 -8.29
CA PRO A 73 42.56 15.28 -8.28
C PRO A 73 43.09 14.92 -6.91
N CYS A 74 42.97 15.82 -5.93
CA CYS A 74 43.12 15.52 -4.48
C CYS A 74 42.52 14.19 -3.96
N VAL A 75 41.38 13.81 -4.52
CA VAL A 75 40.72 12.52 -4.21
C VAL A 75 41.29 11.44 -5.13
N SER A 76 41.83 10.37 -4.53
CA SER A 76 42.28 9.19 -5.26
C SER A 76 41.08 8.31 -5.53
N ASP A 77 41.22 7.38 -6.48
CA ASP A 77 40.19 6.41 -6.91
C ASP A 77 39.77 5.36 -5.83
N GLN A 78 40.63 5.13 -4.84
CA GLN A 78 40.41 4.09 -3.83
C GLN A 78 39.59 4.62 -2.64
N GLU A 79 39.66 5.92 -2.37
CA GLU A 79 38.86 6.54 -1.27
C GLU A 79 37.43 6.86 -1.72
N LEU A 80 37.21 6.98 -3.03
CA LEU A 80 35.86 7.26 -3.58
C LEU A 80 34.88 6.10 -3.35
N ASP A 81 35.36 4.87 -3.52
CA ASP A 81 34.56 3.67 -3.29
C ASP A 81 34.32 3.42 -1.78
N GLU A 82 35.23 3.91 -0.92
CA GLU A 82 35.04 3.89 0.53
C GLU A 82 34.01 4.93 1.01
N LEU A 83 34.03 6.12 0.38
CA LEU A 83 33.05 7.18 0.67
C LEU A 83 31.62 6.70 0.43
N ILE A 84 31.42 6.11 -0.76
CA ILE A 84 30.07 5.71 -1.19
C ILE A 84 29.52 4.61 -0.28
N GLN A 85 30.41 3.72 0.21
CA GLN A 85 30.02 2.72 1.23
C GLN A 85 29.54 3.32 2.58
N GLN A 86 30.08 4.48 2.94
CA GLN A 86 29.65 5.22 4.13
C GLN A 86 28.34 6.00 3.89
N ILE A 87 28.06 6.34 2.64
CA ILE A 87 26.78 6.97 2.22
C ILE A 87 25.64 5.93 2.14
N VAL A 88 25.92 4.79 1.52
CA VAL A 88 24.99 3.65 1.48
C VAL A 88 24.68 3.10 2.89
N ALA A 89 25.69 3.06 3.76
CA ALA A 89 25.50 2.75 5.17
C ALA A 89 24.53 3.74 5.85
N ALA A 90 24.73 5.01 5.56
CA ALA A 90 23.95 6.11 6.13
C ALA A 90 22.61 6.36 5.44
N ILE A 91 22.42 5.79 4.25
CA ILE A 91 21.11 5.81 3.55
C ILE A 91 20.06 4.93 4.27
N ASN A 92 20.54 3.87 4.93
CA ASN A 92 19.67 2.97 5.71
C ASN A 92 19.10 3.61 6.98
N ALA A 93 19.75 4.65 7.50
CA ALA A 93 19.16 5.52 8.54
C ALA A 93 18.43 6.73 7.94
N GLY A 94 19.10 7.39 6.99
CA GLY A 94 18.62 8.63 6.36
C GLY A 94 19.47 9.09 5.19
N SER A 106 15.26 15.76 13.00
CA SER A 106 15.04 14.38 13.41
C SER A 106 13.85 13.70 12.67
N HIS A 107 14.10 12.44 12.29
CA HIS A 107 13.11 11.58 11.62
C HIS A 107 12.02 11.06 12.56
N TRP A 108 12.37 10.91 13.85
CA TRP A 108 11.48 10.32 14.83
C TRP A 108 11.14 11.33 15.92
N ASP A 109 10.99 12.59 15.55
CA ASP A 109 10.54 13.62 16.49
C ASP A 109 9.09 13.38 16.95
N LEU A 110 8.55 14.29 17.76
CA LEU A 110 7.15 14.22 18.19
C LEU A 110 6.22 13.92 17.02
N GLY A 111 6.31 14.74 15.97
CA GLY A 111 5.37 14.70 14.84
C GLY A 111 5.60 13.56 13.87
N SER A 112 6.82 13.44 13.39
CA SER A 112 7.17 12.45 12.38
C SER A 112 6.93 10.99 12.83
N SER A 113 6.84 10.72 14.13
CA SER A 113 6.43 9.39 14.63
C SER A 113 4.89 9.23 14.65
N PHE A 114 4.18 10.36 14.83
CA PHE A 114 2.73 10.43 14.65
C PHE A 114 2.37 10.17 13.17
N PHE A 115 3.08 10.83 12.28
CA PHE A 115 2.98 10.59 10.83
C PHE A 115 3.22 9.13 10.49
N PHE A 116 4.32 8.57 10.98
CA PHE A 116 4.63 7.16 10.74
C PHE A 116 3.46 6.27 11.17
N ALA A 117 3.03 6.41 12.42
CA ALA A 117 1.90 5.63 12.92
C ALA A 117 0.73 5.68 11.94
N GLY A 118 0.45 6.86 11.40
CA GLY A 118 -0.53 7.04 10.34
C GLY A 118 -0.27 6.22 9.08
N THR A 119 0.98 6.16 8.62
CA THR A 119 1.29 5.35 7.41
C THR A 119 1.02 3.87 7.71
N VAL A 120 1.15 3.43 8.96
CA VAL A 120 0.95 2.02 9.28
C VAL A 120 -0.53 1.66 9.21
N ILE A 121 -1.37 2.43 9.88
CA ILE A 121 -2.77 2.02 10.04
C ILE A 121 -3.56 2.15 8.73
N THR A 122 -3.34 3.24 8.00
CA THR A 122 -3.93 3.48 6.64
C THR A 122 -3.40 2.54 5.57
N THR A 123 -2.23 1.96 5.84
CA THR A 123 -1.54 1.02 4.94
C THR A 123 -1.07 1.67 3.66
N ILE A 124 -0.96 3.00 3.69
CA ILE A 124 -0.27 3.75 2.67
C ILE A 124 1.19 3.26 2.71
N GLY A 125 1.79 3.35 3.90
CA GLY A 125 3.15 2.88 4.14
C GLY A 125 4.23 3.50 3.28
N PHE A 126 4.21 4.82 3.11
CA PHE A 126 5.27 5.49 2.33
C PHE A 126 6.64 4.86 2.59
N GLY A 127 7.06 4.81 3.85
CA GLY A 127 8.30 4.12 4.23
C GLY A 127 9.60 4.91 4.12
N ASN A 128 9.51 6.19 3.73
CA ASN A 128 10.57 7.16 3.98
C ASN A 128 11.16 6.99 5.41
N ILE A 129 10.29 6.80 6.40
CA ILE A 129 10.66 6.54 7.78
C ILE A 129 10.19 5.13 8.07
N SER A 130 11.07 4.27 8.57
CA SER A 130 10.66 2.92 8.94
C SER A 130 11.51 2.45 10.10
N PRO A 131 11.00 1.52 10.93
CA PRO A 131 11.73 1.07 12.11
C PRO A 131 13.02 0.29 11.82
N ARG A 132 14.08 0.61 12.56
CA ARG A 132 15.36 -0.11 12.52
C ARG A 132 15.52 -1.04 13.72
N THR A 133 15.21 -0.53 14.91
CA THR A 133 15.25 -1.30 16.15
C THR A 133 14.41 -2.56 16.07
N GLU A 134 14.94 -3.64 16.61
CA GLU A 134 14.21 -4.91 16.66
C GLU A 134 12.90 -4.77 17.44
N GLY A 135 12.89 -3.92 18.46
CA GLY A 135 11.66 -3.60 19.17
C GLY A 135 10.63 -2.83 18.37
N GLY A 136 11.10 -1.85 17.61
CA GLY A 136 10.23 -1.03 16.74
C GLY A 136 9.50 -1.87 15.70
N LYS A 137 10.19 -2.89 15.19
CA LYS A 137 9.61 -3.82 14.24
C LYS A 137 8.53 -4.69 14.89
N ILE A 138 8.87 -5.23 16.06
CA ILE A 138 7.94 -6.04 16.83
C ILE A 138 6.70 -5.23 17.23
N PHE A 139 6.89 -3.99 17.67
CA PHE A 139 5.74 -3.13 17.97
C PHE A 139 4.93 -2.81 16.71
N CYS A 140 5.63 -2.53 15.61
CA CYS A 140 5.00 -2.22 14.31
C CYS A 140 4.07 -3.31 13.83
N ILE A 141 4.51 -4.55 14.01
CA ILE A 141 3.66 -5.72 13.75
C ILE A 141 2.38 -5.74 14.60
N ILE A 142 2.52 -5.47 15.90
CA ILE A 142 1.38 -5.45 16.83
C ILE A 142 0.50 -4.22 16.56
N TYR A 143 1.14 -3.11 16.28
CA TYR A 143 0.45 -1.84 16.05
C TYR A 143 -0.40 -1.92 14.78
N ALA A 144 0.12 -2.63 13.77
CA ALA A 144 -0.54 -2.79 12.47
C ALA A 144 -1.76 -3.70 12.52
N LEU A 145 -1.57 -4.90 13.08
CA LEU A 145 -2.65 -5.88 13.19
C LEU A 145 -3.87 -5.41 13.98
N LEU A 146 -3.69 -4.52 14.95
CA LEU A 146 -4.85 -3.97 15.70
C LEU A 146 -5.27 -2.61 15.17
N GLY A 147 -4.29 -1.88 14.65
CA GLY A 147 -4.51 -0.54 14.10
C GLY A 147 -5.33 -0.55 12.83
N ILE A 148 -4.92 -1.39 11.87
CA ILE A 148 -5.57 -1.46 10.56
C ILE A 148 -7.07 -1.72 10.67
N PRO A 149 -7.48 -2.79 11.37
CA PRO A 149 -8.93 -2.99 11.51
C PRO A 149 -9.62 -1.81 12.16
N LEU A 150 -9.02 -1.27 13.22
CA LEU A 150 -9.58 -0.13 13.95
C LEU A 150 -9.80 1.07 12.99
N PHE A 151 -8.75 1.47 12.28
CA PHE A 151 -8.84 2.59 11.35
C PHE A 151 -9.98 2.37 10.37
N GLY A 152 -10.07 1.15 9.84
CA GLY A 152 -11.21 0.73 9.01
C GLY A 152 -12.58 1.24 9.44
N PHE A 153 -12.93 1.03 10.71
CA PHE A 153 -14.23 1.48 11.23
C PHE A 153 -14.42 2.99 11.13
N LEU A 154 -13.35 3.75 11.37
CA LEU A 154 -13.42 5.22 11.29
C LEU A 154 -13.65 5.65 9.85
N LEU A 155 -12.80 5.11 8.96
CA LEU A 155 -12.86 5.38 7.54
C LEU A 155 -14.18 4.90 6.96
N ALA A 156 -14.73 3.86 7.56
CA ALA A 156 -16.07 3.41 7.23
C ALA A 156 -17.12 4.43 7.60
N GLY A 157 -17.04 4.97 8.82
CA GLY A 157 -17.97 6.00 9.30
C GLY A 157 -17.81 7.33 8.59
N VAL A 158 -16.54 7.70 8.34
CA VAL A 158 -16.18 8.86 7.50
C VAL A 158 -16.82 8.72 6.12
N GLY A 159 -16.78 7.50 5.57
CA GLY A 159 -17.58 7.16 4.41
C GLY A 159 -19.06 7.50 4.55
N ASP A 160 -19.75 6.80 5.46
CA ASP A 160 -21.19 7.01 5.68
C ASP A 160 -21.57 8.48 5.65
N GLN A 161 -20.95 9.26 6.55
CA GLN A 161 -21.35 10.66 6.74
C GLN A 161 -21.19 11.42 5.45
N LEU A 162 -20.00 11.34 4.88
CA LEU A 162 -19.70 11.97 3.60
C LEU A 162 -20.67 11.50 2.50
N GLY A 163 -21.08 10.23 2.57
CA GLY A 163 -22.13 9.70 1.69
C GLY A 163 -23.49 10.33 1.90
N THR A 164 -23.92 10.46 3.16
CA THR A 164 -25.22 11.07 3.48
C THR A 164 -25.23 12.59 3.23
N ILE A 165 -24.07 13.25 3.29
CA ILE A 165 -23.91 14.65 2.87
C ILE A 165 -24.24 14.82 1.39
N PHE A 166 -23.56 14.03 0.55
CA PHE A 166 -23.80 14.05 -0.90
CA PHE A 166 -23.81 14.06 -0.89
C PHE A 166 -25.17 13.45 -1.26
N GLY A 167 -25.75 12.65 -0.36
CA GLY A 167 -27.14 12.16 -0.50
C GLY A 167 -28.20 13.25 -0.44
N LYS A 168 -28.03 14.22 0.46
CA LYS A 168 -28.85 15.45 0.46
C LYS A 168 -28.51 16.34 -0.73
N GLY A 169 -27.25 16.36 -1.14
CA GLY A 169 -26.79 17.10 -2.31
C GLY A 169 -27.36 16.67 -3.65
N ILE A 170 -27.71 15.39 -3.79
CA ILE A 170 -28.38 14.89 -5.01
C ILE A 170 -29.90 14.92 -4.95
N ALA A 171 -30.49 14.96 -3.74
CA ALA A 171 -31.94 15.18 -3.61
C ALA A 171 -32.36 16.52 -4.23
N LYS A 172 -31.57 17.57 -3.96
CA LYS A 172 -31.83 18.93 -4.48
C LYS A 172 -31.60 19.05 -6.00
N VAL A 173 -30.53 18.43 -6.49
CA VAL A 173 -30.15 18.48 -7.92
C VAL A 173 -30.93 17.45 -8.77
N GLU A 174 -31.48 16.39 -8.17
CA GLU A 174 -32.42 15.50 -8.87
C GLU A 174 -33.90 15.93 -8.70
N ASP A 175 -34.12 17.15 -8.18
CA ASP A 175 -35.43 17.81 -8.12
C ASP A 175 -35.54 18.83 -9.25
N THR A 176 -34.57 19.73 -9.36
CA THR A 176 -34.57 20.82 -10.35
C THR A 176 -34.31 20.33 -11.79
N PHE A 177 -33.59 19.23 -11.96
CA PHE A 177 -33.37 18.61 -13.27
C PHE A 177 -34.41 17.52 -13.61
N ILE A 178 -35.15 16.98 -12.63
CA ILE A 178 -36.28 16.07 -12.89
C ILE A 178 -37.61 16.79 -12.60
N LYS A 179 -37.90 17.80 -13.44
CA LYS A 179 -39.22 18.37 -13.61
C LYS A 179 -39.33 18.93 -15.05
N TRP A 180 -38.60 18.32 -15.99
CA TRP A 180 -38.51 18.82 -17.38
C TRP A 180 -37.83 17.74 -18.25
N ASN A 181 -36.63 18.00 -18.77
CA ASN A 181 -36.07 17.23 -19.91
C ASN A 181 -35.72 15.76 -19.61
N VAL A 182 -35.49 14.98 -20.69
CA VAL A 182 -35.25 13.50 -20.70
C VAL A 182 -35.24 12.82 -19.32
N SER A 183 -36.22 11.94 -19.08
CA SER A 183 -36.56 11.42 -17.75
C SER A 183 -35.70 10.21 -17.30
N GLN A 184 -36.29 9.22 -16.60
CA GLN A 184 -35.51 8.31 -15.76
C GLN A 184 -34.66 7.21 -16.44
N THR A 185 -33.78 6.63 -15.63
CA THR A 185 -32.81 5.55 -16.00
C THR A 185 -31.55 6.04 -16.74
N LYS A 186 -31.60 7.19 -17.41
CA LYS A 186 -30.42 7.88 -17.95
C LYS A 186 -29.89 8.95 -16.98
N ILE A 187 -30.71 9.41 -16.04
CA ILE A 187 -30.34 10.47 -15.10
C ILE A 187 -29.43 9.94 -13.99
N ARG A 188 -29.41 8.62 -13.76
CA ARG A 188 -28.38 8.00 -12.91
C ARG A 188 -26.97 8.21 -13.48
N ILE A 189 -26.86 8.17 -14.81
CA ILE A 189 -25.60 8.47 -15.51
C ILE A 189 -25.15 9.92 -15.26
N ILE A 190 -26.08 10.86 -15.18
CA ILE A 190 -25.73 12.29 -14.99
C ILE A 190 -25.32 12.56 -13.53
N SER A 191 -25.92 11.86 -12.59
CA SER A 191 -25.55 11.97 -11.16
C SER A 191 -24.12 11.49 -10.90
N THR A 192 -23.80 10.28 -11.36
CA THR A 192 -22.46 9.72 -11.17
C THR A 192 -21.33 10.50 -11.88
N ILE A 193 -21.69 11.35 -12.84
CA ILE A 193 -20.78 12.37 -13.40
C ILE A 193 -20.59 13.52 -12.42
N ILE A 194 -21.64 13.92 -11.71
CA ILE A 194 -21.54 15.01 -10.71
C ILE A 194 -20.70 14.57 -9.50
N PHE A 195 -20.78 13.27 -9.15
CA PHE A 195 -19.95 12.69 -8.10
C PHE A 195 -18.45 12.72 -8.44
N ILE A 196 -18.13 12.26 -9.63
CA ILE A 196 -16.76 12.22 -10.12
C ILE A 196 -16.21 13.62 -10.46
N LEU A 197 -17.04 14.49 -11.00
CA LEU A 197 -16.62 15.86 -11.37
C LEU A 197 -16.31 16.69 -10.12
N PHE A 198 -17.30 16.87 -9.23
CA PHE A 198 -17.06 17.54 -7.95
C PHE A 198 -16.01 16.81 -7.12
N GLY A 199 -16.12 15.49 -7.07
CA GLY A 199 -15.18 14.67 -6.31
C GLY A 199 -13.71 14.89 -6.67
N CYS A 200 -13.40 14.88 -7.96
CA CYS A 200 -12.03 15.16 -8.44
C CYS A 200 -11.55 16.60 -8.23
N VAL A 201 -12.47 17.52 -7.95
CA VAL A 201 -12.13 18.89 -7.56
C VAL A 201 -11.65 18.93 -6.11
N LEU A 202 -12.46 18.37 -5.22
CA LEU A 202 -12.26 18.46 -3.76
C LEU A 202 -11.09 17.62 -3.22
N PHE A 203 -10.93 16.42 -3.78
CA PHE A 203 -9.98 15.45 -3.28
C PHE A 203 -8.81 15.17 -4.23
N VAL A 204 -8.72 15.90 -5.34
CA VAL A 204 -7.63 15.73 -6.33
C VAL A 204 -7.10 17.05 -6.94
N ALA A 205 -7.98 17.88 -7.47
CA ALA A 205 -7.58 19.13 -8.13
C ALA A 205 -7.08 20.14 -7.12
N LEU A 206 -7.97 20.54 -6.21
CA LEU A 206 -7.69 21.56 -5.21
C LEU A 206 -6.47 21.18 -4.32
N PRO A 207 -6.41 19.91 -3.82
CA PRO A 207 -5.24 19.54 -2.99
C PRO A 207 -3.94 19.51 -3.77
N ALA A 208 -3.97 19.03 -5.01
CA ALA A 208 -2.77 19.05 -5.86
C ALA A 208 -2.27 20.46 -6.13
N VAL A 209 -3.18 21.40 -6.30
CA VAL A 209 -2.80 22.79 -6.46
C VAL A 209 -2.01 23.23 -5.24
N ILE A 210 -2.59 23.03 -4.06
CA ILE A 210 -1.96 23.41 -2.80
C ILE A 210 -0.57 22.77 -2.68
N PHE A 211 -0.48 21.47 -3.02
CA PHE A 211 0.79 20.74 -3.03
C PHE A 211 1.81 21.33 -4.00
N LYS A 212 1.36 21.71 -5.20
CA LYS A 212 2.26 22.35 -6.18
C LYS A 212 2.88 23.58 -5.53
N HIS A 213 2.02 24.47 -5.00
CA HIS A 213 2.50 25.71 -4.36
C HIS A 213 3.38 25.41 -3.15
N ILE A 214 2.89 24.62 -2.20
CA ILE A 214 3.58 24.42 -0.92
C ILE A 214 4.83 23.56 -1.05
N GLU A 215 4.69 22.37 -1.61
CA GLU A 215 5.84 21.46 -1.74
C GLU A 215 6.84 21.93 -2.78
N GLY A 216 6.32 22.48 -3.88
CA GLY A 216 7.14 22.82 -5.04
C GLY A 216 7.33 21.62 -5.97
N TRP A 217 6.28 20.82 -6.12
CA TRP A 217 6.28 19.73 -7.10
C TRP A 217 5.69 20.25 -8.39
N SER A 218 5.89 19.48 -9.46
CA SER A 218 5.21 19.73 -10.73
C SER A 218 3.71 19.46 -10.63
N ALA A 219 2.93 20.01 -11.56
CA ALA A 219 1.50 19.77 -11.62
C ALA A 219 1.20 18.27 -11.69
N LEU A 220 1.97 17.55 -12.50
CA LEU A 220 1.79 16.10 -12.65
C LEU A 220 2.11 15.36 -11.36
N ASP A 221 3.25 15.68 -10.78
CA ASP A 221 3.73 15.03 -9.55
C ASP A 221 2.70 15.10 -8.42
N ALA A 222 2.08 16.27 -8.24
CA ALA A 222 1.02 16.43 -7.25
C ALA A 222 -0.12 15.44 -7.45
N ILE A 223 -0.68 15.41 -8.65
CA ILE A 223 -1.79 14.51 -8.96
C ILE A 223 -1.37 13.04 -8.83
N TYR A 224 -0.17 12.75 -9.31
CA TYR A 224 0.45 11.44 -9.11
C TYR A 224 0.50 11.08 -7.61
N PHE A 225 1.14 11.96 -6.82
CA PHE A 225 1.16 11.82 -5.37
C PHE A 225 -0.22 11.66 -4.74
N VAL A 226 -1.18 12.45 -5.19
CA VAL A 226 -2.57 12.31 -4.72
C VAL A 226 -3.09 10.88 -4.97
N VAL A 227 -2.91 10.38 -6.18
CA VAL A 227 -3.47 9.09 -6.56
C VAL A 227 -2.72 7.93 -5.90
N ILE A 228 -1.38 8.02 -5.92
CA ILE A 228 -0.53 7.00 -5.31
C ILE A 228 -0.79 6.84 -3.80
N THR A 229 -1.02 7.96 -3.12
CA THR A 229 -1.37 7.98 -1.68
C THR A 229 -2.82 7.59 -1.35
N LEU A 230 -3.80 8.18 -2.03
CA LEU A 230 -5.21 7.83 -1.77
C LEU A 230 -5.62 6.42 -2.23
N THR A 231 -4.91 5.81 -3.18
CA THR A 231 -5.09 4.37 -3.50
C THR A 231 -4.38 3.46 -2.48
N THR A 232 -3.68 4.08 -1.53
CA THR A 232 -2.86 3.43 -0.50
C THR A 232 -1.75 2.59 -1.08
N ILE A 233 -1.28 2.95 -2.27
CA ILE A 233 -0.14 2.27 -2.87
C ILE A 233 1.06 2.74 -2.07
N GLY A 234 1.23 4.03 -2.03
CA GLY A 234 2.22 4.67 -1.19
C GLY A 234 3.66 4.33 -1.44
N PHE A 235 4.06 4.28 -2.70
CA PHE A 235 5.50 4.17 -3.03
C PHE A 235 6.34 4.95 -2.03
N GLY A 236 6.02 6.24 -1.91
CA GLY A 236 6.77 7.18 -1.08
C GLY A 236 7.88 7.90 -1.82
N ASP A 237 7.84 7.86 -3.15
CA ASP A 237 8.74 8.67 -4.00
C ASP A 237 8.46 10.19 -3.85
N TYR A 238 7.22 10.57 -3.56
CA TYR A 238 6.89 11.91 -3.06
C TYR A 238 6.05 11.77 -1.79
N VAL A 239 6.31 12.67 -0.83
CA VAL A 239 5.62 12.67 0.47
C VAL A 239 5.36 14.10 0.93
N ALA A 240 4.11 14.37 1.27
CA ALA A 240 3.73 15.70 1.76
C ALA A 240 4.25 15.84 3.18
N GLY A 241 4.99 16.91 3.45
CA GLY A 241 5.64 17.12 4.73
C GLY A 241 7.10 16.68 4.76
N GLY A 242 7.52 15.91 3.76
CA GLY A 242 8.81 15.21 3.77
C GLY A 242 10.12 16.00 3.73
N SER A 243 10.16 17.14 3.04
CA SER A 243 11.37 17.96 2.95
C SER A 243 11.49 18.89 4.16
N ASP A 244 12.67 19.49 4.34
CA ASP A 244 13.01 20.28 5.55
C ASP A 244 12.65 21.76 5.40
N ILE A 245 11.47 22.06 4.85
CA ILE A 245 11.08 23.43 4.46
C ILE A 245 10.37 24.08 5.66
N GLU A 246 10.25 25.41 5.66
CA GLU A 246 9.31 26.08 6.59
C GLU A 246 7.87 25.69 6.20
N TYR A 247 7.22 24.96 7.09
CA TYR A 247 5.82 24.58 6.96
C TYR A 247 5.01 25.49 7.87
N LEU A 248 3.86 25.94 7.39
CA LEU A 248 2.89 26.58 8.26
C LEU A 248 2.28 25.51 9.16
N ASP A 249 2.13 25.82 10.44
CA ASP A 249 1.41 24.94 11.39
C ASP A 249 0.02 24.45 10.96
N PHE A 250 -0.54 25.12 9.94
CA PHE A 250 -1.90 24.85 9.48
C PHE A 250 -1.91 23.72 8.44
N TYR A 251 -0.83 23.63 7.66
CA TYR A 251 -0.67 22.68 6.52
C TYR A 251 -0.83 21.22 6.91
N LYS A 252 0.12 20.70 7.68
CA LYS A 252 0.18 19.26 7.95
C LYS A 252 -1.12 18.68 8.54
N PRO A 253 -1.73 19.38 9.52
CA PRO A 253 -3.03 18.90 9.93
C PRO A 253 -4.05 18.88 8.80
N VAL A 254 -4.13 19.93 8.00
CA VAL A 254 -5.09 19.93 6.87
C VAL A 254 -4.91 18.72 5.92
N VAL A 255 -3.68 18.25 5.79
CA VAL A 255 -3.41 17.04 5.01
C VAL A 255 -3.94 15.78 5.72
N TRP A 256 -3.78 15.68 7.05
CA TRP A 256 -4.35 14.56 7.81
C TRP A 256 -5.85 14.40 7.52
N PHE A 257 -6.55 15.54 7.53
CA PHE A 257 -7.99 15.61 7.25
C PHE A 257 -8.27 15.22 5.81
N TRP A 258 -7.49 15.77 4.87
CA TRP A 258 -7.60 15.39 3.47
C TRP A 258 -7.50 13.88 3.30
N ILE A 259 -6.45 13.27 3.88
CA ILE A 259 -6.26 11.80 3.87
C ILE A 259 -7.46 11.05 4.44
N LEU A 260 -7.96 11.49 5.58
CA LEU A 260 -9.14 10.87 6.14
C LEU A 260 -10.31 10.87 5.14
N VAL A 261 -10.56 11.99 4.48
CA VAL A 261 -11.73 12.10 3.60
C VAL A 261 -11.45 11.64 2.16
N GLY A 262 -10.22 11.89 1.70
CA GLY A 262 -9.77 11.39 0.40
C GLY A 262 -9.77 9.88 0.31
N LEU A 263 -9.24 9.21 1.33
CA LEU A 263 -9.25 7.74 1.38
C LEU A 263 -10.65 7.20 1.30
N ALA A 264 -11.59 7.87 1.99
CA ALA A 264 -13.00 7.51 1.91
C ALA A 264 -13.50 7.57 0.47
N TYR A 265 -13.23 8.71 -0.18
CA TYR A 265 -13.67 8.97 -1.54
C TYR A 265 -13.14 7.90 -2.53
N PHE A 266 -11.81 7.80 -2.64
CA PHE A 266 -11.18 6.78 -3.48
C PHE A 266 -11.66 5.36 -3.20
N ALA A 267 -12.07 5.05 -1.98
CA ALA A 267 -12.62 3.75 -1.66
C ALA A 267 -13.90 3.45 -2.45
N ALA A 268 -14.76 4.48 -2.52
CA ALA A 268 -15.96 4.43 -3.34
C ALA A 268 -15.61 4.42 -4.83
N VAL A 269 -14.86 5.41 -5.27
CA VAL A 269 -14.40 5.53 -6.66
C VAL A 269 -13.82 4.23 -7.20
N LEU A 270 -12.90 3.62 -6.47
CA LEU A 270 -12.37 2.31 -6.86
C LEU A 270 -13.51 1.29 -6.89
N SER A 271 -14.39 1.34 -5.88
CA SER A 271 -15.54 0.44 -5.88
C SER A 271 -16.47 0.62 -7.09
N MET A 272 -16.68 1.87 -7.52
CA MET A 272 -17.44 2.16 -8.76
C MET A 272 -16.73 1.53 -9.94
N ILE A 273 -15.48 1.91 -10.14
CA ILE A 273 -14.68 1.37 -11.22
C ILE A 273 -14.85 -0.16 -11.23
N GLY A 274 -14.81 -0.77 -10.04
CA GLY A 274 -15.05 -2.20 -9.93
C GLY A 274 -16.37 -2.67 -10.52
N ASP A 275 -17.45 -1.97 -10.22
CA ASP A 275 -18.78 -2.32 -10.74
C ASP A 275 -18.93 -2.10 -12.25
N TRP A 276 -18.30 -1.04 -12.78
CA TRP A 276 -18.28 -0.80 -14.22
C TRP A 276 -17.71 -1.99 -14.99
N LEU A 277 -16.61 -2.51 -14.46
CA LEU A 277 -15.98 -3.71 -15.00
C LEU A 277 -16.94 -4.89 -14.96
N ARG A 278 -17.66 -5.09 -13.86
CA ARG A 278 -18.67 -6.16 -13.77
C ARG A 278 -19.60 -6.15 -14.96
N VAL A 279 -20.05 -4.94 -15.28
CA VAL A 279 -20.98 -4.68 -16.36
C VAL A 279 -20.32 -4.91 -17.71
N ILE A 280 -19.26 -4.16 -17.99
CA ILE A 280 -18.43 -4.35 -19.19
C ILE A 280 -18.15 -5.83 -19.46
N ALA A 281 -17.96 -6.61 -18.41
CA ALA A 281 -17.69 -8.03 -18.51
C ALA A 281 -18.89 -8.85 -18.96
N LYS A 282 -20.10 -8.55 -18.48
CA LYS A 282 -21.31 -9.24 -18.97
C LYS A 282 -21.44 -8.91 -20.43
N LYS A 283 -21.46 -7.61 -20.72
CA LYS A 283 -21.61 -7.14 -22.09
C LYS A 283 -20.63 -7.84 -23.02
N THR A 284 -19.34 -7.77 -22.71
CA THR A 284 -18.36 -8.41 -23.58
C THR A 284 -18.50 -9.94 -23.62
N LYS A 285 -18.99 -10.55 -22.55
CA LYS A 285 -19.24 -12.00 -22.56
C LYS A 285 -20.37 -12.38 -23.52
N GLU A 286 -21.44 -11.58 -23.57
CA GLU A 286 -22.58 -11.86 -24.47
C GLU A 286 -22.35 -11.36 -25.90
N ALA A 287 -21.43 -10.41 -26.07
CA ALA A 287 -21.01 -9.99 -27.40
C ALA A 287 -20.21 -11.07 -28.13
N VAL A 288 -19.39 -11.80 -27.39
CA VAL A 288 -18.74 -13.00 -27.92
C VAL A 288 -19.79 -14.08 -28.18
N GLY A 289 -20.78 -14.18 -27.30
CA GLY A 289 -21.95 -15.04 -27.49
C GLY A 289 -22.67 -14.77 -28.78
N GLU A 290 -22.81 -13.49 -29.15
CA GLU A 290 -23.32 -13.08 -30.46
C GLU A 290 -22.38 -13.50 -31.59
N PHE A 291 -21.13 -13.02 -31.55
CA PHE A 291 -20.16 -13.36 -32.59
C PHE A 291 -20.14 -14.87 -32.96
N ARG A 292 -20.11 -15.72 -31.95
CA ARG A 292 -20.24 -17.17 -32.18
C ARG A 292 -21.57 -17.55 -32.85
N ALA A 293 -22.66 -17.00 -32.36
CA ALA A 293 -23.99 -17.39 -32.84
C ALA A 293 -24.31 -17.06 -34.29
N HIS A 294 -23.67 -16.03 -34.84
CA HIS A 294 -23.74 -15.74 -36.28
C HIS A 294 -22.68 -16.48 -37.10
N ALA A 295 -21.44 -16.53 -36.63
CA ALA A 295 -20.43 -17.50 -37.17
C ALA A 295 -20.98 -18.92 -37.34
N ALA A 296 -21.84 -19.35 -36.41
CA ALA A 296 -22.65 -20.56 -36.54
C ALA A 296 -23.61 -20.47 -37.73
N GLU A 297 -24.75 -19.81 -37.56
CA GLU A 297 -25.83 -19.84 -38.55
C GLU A 297 -25.55 -18.91 -39.76
N TRP A 298 -24.28 -18.59 -40.00
CA TRP A 298 -23.75 -18.20 -41.32
C TRP A 298 -22.94 -19.32 -41.99
N THR A 299 -22.38 -20.25 -41.20
CA THR A 299 -21.63 -21.43 -41.71
C THR A 299 -22.52 -22.69 -41.95
N ALA A 300 -23.63 -22.83 -41.22
CA ALA A 300 -24.68 -23.81 -41.57
C ALA A 300 -25.30 -23.45 -42.92
N ASN A 301 -25.21 -22.17 -43.29
CA ASN A 301 -25.58 -21.68 -44.63
C ASN A 301 -24.48 -22.05 -45.68
N VAL A 302 -24.67 -23.20 -46.34
CA VAL A 302 -23.71 -23.71 -47.34
C VAL A 302 -24.22 -23.44 -48.77
N SER B 16 -38.40 8.53 11.23
CA SER B 16 -37.30 9.23 11.95
C SER B 16 -35.90 8.92 11.36
N ASP B 17 -35.66 9.42 10.14
CA ASP B 17 -34.39 9.21 9.37
C ASP B 17 -33.19 9.97 9.96
N SER B 18 -33.42 11.20 10.42
CA SER B 18 -32.37 12.00 11.07
C SER B 18 -32.12 11.57 12.52
N ALA B 19 -33.04 10.81 13.11
CA ALA B 19 -32.83 10.22 14.44
C ALA B 19 -31.66 9.23 14.45
N ILE B 20 -31.56 8.37 13.42
CA ILE B 20 -30.45 7.41 13.30
C ILE B 20 -29.14 8.10 12.86
N ASN B 21 -29.25 9.18 12.08
CA ASN B 21 -28.08 9.95 11.61
C ASN B 21 -27.33 10.64 12.75
N VAL B 22 -28.08 11.11 13.75
CA VAL B 22 -27.49 11.70 14.94
C VAL B 22 -26.74 10.62 15.75
N MET B 23 -27.34 9.42 15.83
CA MET B 23 -26.69 8.28 16.49
C MET B 23 -25.38 7.93 15.78
N LYS B 24 -25.42 7.88 14.45
CA LYS B 24 -24.24 7.55 13.64
C LYS B 24 -23.09 8.52 13.83
N TRP B 25 -23.33 9.83 13.72
CA TRP B 25 -22.27 10.82 13.92
C TRP B 25 -21.66 10.73 15.32
N LYS B 26 -22.47 10.35 16.31
CA LYS B 26 -21.97 10.14 17.67
C LYS B 26 -21.00 8.93 17.74
N THR B 27 -21.31 7.89 16.98
CA THR B 27 -20.43 6.73 16.91
C THR B 27 -19.12 7.07 16.21
N VAL B 28 -19.20 7.65 15.01
CA VAL B 28 -18.01 8.01 14.17
C VAL B 28 -17.00 8.84 14.97
N SER B 29 -17.53 9.80 15.71
CA SER B 29 -16.71 10.73 16.51
C SER B 29 -15.90 10.04 17.62
N THR B 30 -16.57 9.23 18.46
CA THR B 30 -15.84 8.53 19.53
C THR B 30 -14.73 7.61 18.98
N ILE B 31 -15.01 6.97 17.84
CA ILE B 31 -14.02 6.14 17.13
C ILE B 31 -12.91 7.03 16.62
N PHE B 32 -13.28 8.18 16.06
CA PHE B 32 -12.29 9.15 15.60
C PHE B 32 -11.29 9.48 16.72
N LEU B 33 -11.84 9.80 17.90
CA LEU B 33 -11.03 10.15 19.08
C LEU B 33 -10.24 8.96 19.62
N VAL B 34 -10.84 7.78 19.57
CA VAL B 34 -10.08 6.56 19.83
C VAL B 34 -8.88 6.46 18.89
N VAL B 35 -9.10 6.70 17.59
CA VAL B 35 -8.03 6.60 16.58
C VAL B 35 -6.99 7.69 16.77
N VAL B 36 -7.43 8.90 17.12
CA VAL B 36 -6.49 9.99 17.43
C VAL B 36 -5.58 9.57 18.59
N LEU B 37 -6.23 9.05 19.62
CA LEU B 37 -5.55 8.63 20.83
C LEU B 37 -4.57 7.48 20.56
N TYR B 38 -5.03 6.54 19.73
CA TYR B 38 -4.22 5.39 19.24
C TYR B 38 -2.95 5.83 18.50
N LEU B 39 -3.04 6.91 17.71
CA LEU B 39 -1.88 7.44 17.00
C LEU B 39 -0.85 8.07 17.94
N ILE B 40 -1.34 8.70 19.00
CA ILE B 40 -0.50 9.38 19.98
C ILE B 40 0.30 8.39 20.84
N ILE B 41 -0.41 7.39 21.35
CA ILE B 41 0.22 6.27 22.05
C ILE B 41 1.30 5.69 21.16
N GLY B 42 0.92 5.36 19.92
CA GLY B 42 1.83 4.77 18.95
C GLY B 42 3.02 5.69 18.66
N ALA B 43 2.69 6.96 18.42
CA ALA B 43 3.70 7.94 18.11
C ALA B 43 4.79 7.86 19.17
N THR B 44 4.37 8.03 20.43
CA THR B 44 5.29 8.06 21.60
C THR B 44 6.07 6.76 21.87
N VAL B 45 5.50 5.61 21.52
CA VAL B 45 6.21 4.34 21.65
C VAL B 45 7.27 4.13 20.54
N PHE B 46 6.99 4.68 19.34
CA PHE B 46 7.95 4.60 18.23
C PHE B 46 9.16 5.52 18.47
N LYS B 47 8.89 6.76 18.87
CA LYS B 47 9.96 7.72 19.20
C LYS B 47 10.76 7.30 20.43
N ALA B 48 10.10 6.74 21.43
CA ALA B 48 10.81 6.05 22.52
C ALA B 48 11.81 5.04 21.93
N LEU B 49 11.32 4.18 21.02
CA LEU B 49 12.11 3.11 20.43
C LEU B 49 13.21 3.52 19.44
N GLU B 50 12.96 4.54 18.61
CA GLU B 50 13.84 4.86 17.46
C GLU B 50 14.75 6.10 17.57
N GLN B 51 14.33 7.08 18.38
CA GLN B 51 15.09 8.32 18.61
C GLN B 51 16.47 8.08 19.22
N PRO B 52 16.64 7.08 20.13
CA PRO B 52 17.99 6.73 20.63
C PRO B 52 19.00 6.29 19.55
N GLN B 53 18.68 5.21 18.82
CA GLN B 53 19.57 4.73 17.75
C GLN B 53 19.82 5.76 16.67
N GLU B 54 18.81 6.58 16.38
CA GLU B 54 18.96 7.69 15.44
C GLU B 54 20.04 8.69 15.89
N ILE B 55 20.04 9.02 17.18
CA ILE B 55 21.02 9.97 17.73
C ILE B 55 22.42 9.37 17.77
N SER B 56 22.54 8.09 18.12
CA SER B 56 23.85 7.45 18.09
C SER B 56 24.41 7.38 16.66
N GLN B 57 23.55 7.07 15.69
CA GLN B 57 23.98 6.98 14.28
C GLN B 57 24.25 8.35 13.65
N ARG B 58 23.63 9.41 14.16
CA ARG B 58 23.89 10.76 13.65
C ARG B 58 25.16 11.38 14.23
N THR B 59 25.49 11.05 15.48
CA THR B 59 26.75 11.48 16.04
C THR B 59 27.89 10.76 15.30
N THR B 60 27.82 9.43 15.19
CA THR B 60 28.89 8.66 14.52
C THR B 60 28.98 8.81 12.99
N ILE B 61 28.00 9.44 12.33
CA ILE B 61 28.13 9.80 10.90
C ILE B 61 28.78 11.18 10.72
N VAL B 62 28.68 12.03 11.73
CA VAL B 62 29.45 13.28 11.78
C VAL B 62 30.90 12.99 12.22
N ILE B 63 31.13 11.91 12.98
CA ILE B 63 32.48 11.39 13.28
C ILE B 63 33.22 10.93 11.99
N GLN B 64 32.54 10.13 11.17
CA GLN B 64 33.07 9.73 9.84
C GLN B 64 33.32 10.94 8.93
N ARG B 65 32.41 11.93 8.97
CA ARG B 65 32.52 13.12 8.11
C ARG B 65 33.79 13.91 8.40
N GLU B 66 33.98 14.36 9.65
CA GLU B 66 35.19 15.09 10.05
C GLU B 66 36.50 14.33 9.83
N LYS B 67 36.48 12.99 9.84
CA LYS B 67 37.69 12.21 9.49
C LYS B 67 38.11 12.37 8.03
N PHE B 68 37.14 12.46 7.12
CA PHE B 68 37.42 12.68 5.68
C PHE B 68 37.28 14.15 5.21
N LEU B 69 36.70 15.02 6.03
CA LEU B 69 36.63 16.47 5.73
C LEU B 69 38.02 17.13 5.78
N ARG B 70 38.73 16.86 6.89
CA ARG B 70 40.07 17.40 7.17
C ARG B 70 41.19 16.51 6.65
N ALA B 71 40.96 15.20 6.47
CA ALA B 71 41.93 14.33 5.78
C ALA B 71 42.07 14.64 4.28
N HIS B 72 41.15 15.42 3.70
CA HIS B 72 41.30 15.96 2.33
C HIS B 72 40.82 17.44 2.22
N PRO B 73 41.60 18.40 2.74
CA PRO B 73 41.21 19.83 2.63
C PRO B 73 41.21 20.37 1.18
N CYS B 74 41.96 19.70 0.29
CA CYS B 74 42.07 20.12 -1.11
C CYS B 74 40.77 19.93 -1.90
N VAL B 75 39.77 19.24 -1.32
CA VAL B 75 38.39 19.26 -1.82
C VAL B 75 37.67 20.48 -1.27
N SER B 76 37.13 21.31 -2.16
CA SER B 76 36.44 22.57 -1.86
C SER B 76 35.57 22.63 -0.58
N ASP B 77 34.95 21.50 -0.27
CA ASP B 77 34.40 21.21 1.08
C ASP B 77 32.95 21.70 1.30
N GLN B 78 32.49 22.70 0.56
CA GLN B 78 31.04 22.94 0.39
C GLN B 78 30.44 22.02 -0.69
N GLU B 79 31.28 21.57 -1.63
CA GLU B 79 30.92 20.59 -2.66
C GLU B 79 30.78 19.14 -2.15
N LEU B 80 31.33 18.79 -0.99
CA LEU B 80 31.19 17.43 -0.43
C LEU B 80 29.76 17.08 -0.04
N ASP B 81 29.04 18.03 0.56
CA ASP B 81 27.61 17.82 0.89
C ASP B 81 26.73 17.91 -0.39
N GLU B 82 27.21 18.60 -1.41
CA GLU B 82 26.58 18.61 -2.74
C GLU B 82 26.84 17.34 -3.55
N LEU B 83 28.00 16.71 -3.39
CA LEU B 83 28.28 15.38 -3.98
C LEU B 83 27.30 14.35 -3.47
N ILE B 84 27.13 14.31 -2.15
CA ILE B 84 26.28 13.34 -1.48
C ILE B 84 24.82 13.51 -1.91
N GLN B 85 24.38 14.75 -2.13
CA GLN B 85 23.05 15.04 -2.70
C GLN B 85 22.82 14.47 -4.12
N GLN B 86 23.89 14.41 -4.92
CA GLN B 86 23.84 13.81 -6.26
C GLN B 86 23.85 12.26 -6.20
N ILE B 87 24.43 11.71 -5.13
CA ILE B 87 24.40 10.24 -4.89
C ILE B 87 23.04 9.80 -4.34
N VAL B 88 22.54 10.51 -3.32
CA VAL B 88 21.28 10.15 -2.65
C VAL B 88 20.10 10.40 -3.56
N ALA B 89 20.14 11.47 -4.35
CA ALA B 89 19.14 11.70 -5.41
C ALA B 89 19.14 10.55 -6.42
N ALA B 90 20.34 10.12 -6.82
CA ALA B 90 20.49 9.04 -7.80
C ALA B 90 20.30 7.63 -7.25
N ILE B 91 20.38 7.48 -5.92
CA ILE B 91 20.08 6.19 -5.26
C ILE B 91 18.57 5.84 -5.32
N ASN B 92 17.71 6.86 -5.39
CA ASN B 92 16.26 6.67 -5.52
C ASN B 92 15.84 6.12 -6.88
N ALA B 93 16.67 6.30 -7.91
CA ALA B 93 16.50 5.63 -9.20
C ALA B 93 17.26 4.28 -9.20
N GLY B 94 18.26 4.14 -8.35
CA GLY B 94 18.81 2.83 -8.01
C GLY B 94 20.10 2.53 -8.76
N ILE B 95 21.21 2.96 -8.17
CA ILE B 95 22.52 2.97 -8.84
C ILE B 95 23.58 2.27 -8.02
N ILE B 96 24.62 1.79 -8.71
CA ILE B 96 25.74 1.11 -8.06
C ILE B 96 27.04 1.84 -8.49
N PRO B 97 27.17 3.13 -8.13
CA PRO B 97 28.29 3.93 -8.66
C PRO B 97 29.64 3.53 -8.05
N LEU B 98 30.33 2.62 -8.73
CA LEU B 98 31.64 2.13 -8.32
C LEU B 98 32.52 1.78 -9.54
N GLY B 99 33.83 1.92 -9.37
CA GLY B 99 34.81 1.53 -10.39
C GLY B 99 34.96 0.02 -10.45
N ALA B 100 34.88 -0.65 -9.29
CA ALA B 100 35.01 -2.11 -9.17
C ALA B 100 33.78 -2.93 -9.58
N SER B 101 32.72 -2.26 -10.04
CA SER B 101 31.51 -2.95 -10.52
C SER B 101 30.63 -2.06 -11.42
N SER B 102 31.27 -1.43 -12.43
CA SER B 102 30.57 -0.48 -13.33
C SER B 102 29.61 -1.12 -14.36
N ASN B 103 29.66 -2.45 -14.51
CA ASN B 103 28.63 -3.19 -15.26
C ASN B 103 27.53 -3.66 -14.30
N GLN B 104 26.28 -3.63 -14.78
CA GLN B 104 25.12 -3.60 -13.89
C GLN B 104 23.91 -4.38 -14.48
N VAL B 105 23.01 -4.83 -13.61
CA VAL B 105 21.72 -5.46 -13.99
C VAL B 105 20.71 -4.33 -14.29
N SER B 106 19.49 -4.63 -14.76
CA SER B 106 18.46 -3.59 -14.96
C SER B 106 17.29 -3.65 -13.96
N HIS B 107 16.84 -2.49 -13.51
CA HIS B 107 15.69 -2.34 -12.61
C HIS B 107 14.36 -2.46 -13.31
N TRP B 108 14.32 -2.16 -14.59
CA TRP B 108 13.10 -2.23 -15.38
C TRP B 108 13.18 -3.26 -16.48
N ASP B 109 13.83 -4.38 -16.20
CA ASP B 109 13.91 -5.49 -17.16
C ASP B 109 12.54 -6.13 -17.39
N LEU B 110 12.48 -7.20 -18.19
CA LEU B 110 11.24 -7.97 -18.40
C LEU B 110 10.52 -8.23 -17.07
N GLY B 111 11.23 -8.83 -16.12
CA GLY B 111 10.65 -9.32 -14.86
C GLY B 111 10.35 -8.23 -13.84
N SER B 112 11.35 -7.42 -13.54
CA SER B 112 11.21 -6.37 -12.52
C SER B 112 10.12 -5.33 -12.81
N SER B 113 9.68 -5.21 -14.07
CA SER B 113 8.50 -4.38 -14.42
C SER B 113 7.18 -5.15 -14.21
N PHE B 114 7.22 -6.47 -14.35
CA PHE B 114 6.12 -7.35 -13.97
C PHE B 114 5.92 -7.31 -12.44
N PHE B 115 7.02 -7.40 -11.70
CA PHE B 115 7.01 -7.21 -10.25
C PHE B 115 6.42 -5.86 -9.85
N PHE B 116 6.91 -4.79 -10.46
CA PHE B 116 6.39 -3.45 -10.19
C PHE B 116 4.87 -3.39 -10.41
N ALA B 117 4.42 -3.81 -11.58
CA ALA B 117 3.00 -3.82 -11.89
C ALA B 117 2.22 -4.50 -10.78
N GLY B 118 2.75 -5.62 -10.26
CA GLY B 118 2.19 -6.29 -9.09
C GLY B 118 2.11 -5.43 -7.85
N THR B 119 3.16 -4.65 -7.55
CA THR B 119 3.11 -3.77 -6.37
C THR B 119 2.01 -2.71 -6.55
N VAL B 120 1.68 -2.34 -7.77
CA VAL B 120 0.66 -1.32 -8.00
C VAL B 120 -0.72 -1.87 -7.72
N ILE B 121 -1.06 -3.01 -8.31
CA ILE B 121 -2.45 -3.48 -8.27
C ILE B 121 -2.84 -3.98 -6.85
N THR B 122 -1.93 -4.73 -6.21
CA THR B 122 -2.08 -5.19 -4.82
C THR B 122 -2.02 -4.08 -3.79
N THR B 123 -1.48 -2.94 -4.18
CA THR B 123 -1.33 -1.75 -3.34
C THR B 123 -0.40 -1.95 -2.17
N ILE B 124 0.45 -2.97 -2.28
CA ILE B 124 1.60 -3.13 -1.41
C ILE B 124 2.48 -1.89 -1.63
N GLY B 125 2.85 -1.65 -2.88
CA GLY B 125 3.66 -0.52 -3.28
C GLY B 125 5.01 -0.39 -2.59
N PHE B 126 5.78 -1.47 -2.50
CA PHE B 126 7.14 -1.39 -1.92
C PHE B 126 7.84 -0.08 -2.31
N GLY B 127 7.97 0.17 -3.60
CA GLY B 127 8.48 1.45 -4.12
C GLY B 127 9.99 1.62 -4.20
N ASN B 128 10.74 0.58 -3.83
CA ASN B 128 12.14 0.45 -4.23
C ASN B 128 12.34 0.88 -5.72
N ILE B 129 11.43 0.43 -6.60
CA ILE B 129 11.41 0.80 -8.01
C ILE B 129 10.14 1.60 -8.20
N SER B 130 10.26 2.78 -8.78
CA SER B 130 9.08 3.62 -9.05
C SER B 130 9.33 4.44 -10.28
N PRO B 131 8.27 4.87 -10.99
CA PRO B 131 8.43 5.59 -12.26
C PRO B 131 9.07 6.97 -12.12
N ARG B 132 10.00 7.28 -13.02
CA ARG B 132 10.63 8.61 -13.13
C ARG B 132 10.04 9.43 -14.29
N THR B 133 9.87 8.78 -15.44
CA THR B 133 9.29 9.41 -16.63
C THR B 133 7.91 9.96 -16.35
N GLU B 134 7.61 11.14 -16.90
CA GLU B 134 6.28 11.73 -16.81
C GLU B 134 5.22 10.81 -17.41
N GLY B 135 5.57 10.09 -18.45
CA GLY B 135 4.69 9.07 -19.02
C GLY B 135 4.43 7.87 -18.12
N GLY B 136 5.48 7.39 -17.47
CA GLY B 136 5.38 6.26 -16.54
C GLY B 136 4.44 6.54 -15.38
N LYS B 137 4.46 7.79 -14.91
CA LYS B 137 3.57 8.24 -13.86
C LYS B 137 2.13 8.29 -14.32
N ILE B 138 1.93 8.88 -15.50
CA ILE B 138 0.60 8.95 -16.10
C ILE B 138 0.03 7.56 -16.38
N PHE B 139 0.85 6.64 -16.88
CA PHE B 139 0.38 5.26 -17.08
C PHE B 139 0.08 4.59 -15.73
N CYS B 140 0.96 4.82 -14.74
CA CYS B 140 0.82 4.23 -13.40
C CYS B 140 -0.50 4.62 -12.74
N ILE B 141 -0.89 5.87 -12.91
CA ILE B 141 -2.21 6.35 -12.48
C ILE B 141 -3.38 5.60 -13.17
N ILE B 142 -3.29 5.41 -14.49
CA ILE B 142 -4.32 4.69 -15.26
C ILE B 142 -4.29 3.19 -14.92
N TYR B 143 -3.08 2.66 -14.77
CA TYR B 143 -2.89 1.25 -14.50
C TYR B 143 -3.45 0.88 -13.12
N ALA B 144 -3.30 1.81 -12.17
CA ALA B 144 -3.75 1.61 -10.78
C ALA B 144 -5.28 1.66 -10.63
N LEU B 145 -5.88 2.71 -11.16
CA LEU B 145 -7.33 2.88 -11.11
C LEU B 145 -8.16 1.77 -11.75
N LEU B 146 -7.63 1.10 -12.77
CA LEU B 146 -8.33 -0.06 -13.36
C LEU B 146 -7.84 -1.38 -12.81
N GLY B 147 -6.55 -1.39 -12.45
CA GLY B 147 -5.90 -2.58 -11.93
C GLY B 147 -6.39 -2.98 -10.57
N ILE B 148 -6.41 -2.00 -9.64
CA ILE B 148 -6.80 -2.27 -8.25
C ILE B 148 -8.18 -2.93 -8.15
N PRO B 149 -9.22 -2.31 -8.74
CA PRO B 149 -10.51 -2.99 -8.69
C PRO B 149 -10.48 -4.40 -9.28
N LEU B 150 -9.81 -4.52 -10.43
CA LEU B 150 -9.69 -5.81 -11.12
C LEU B 150 -9.06 -6.88 -10.22
N PHE B 151 -7.88 -6.57 -9.67
CA PHE B 151 -7.18 -7.49 -8.78
C PHE B 151 -8.09 -7.94 -7.66
N GLY B 152 -8.81 -6.99 -7.06
CA GLY B 152 -9.87 -7.28 -6.08
C GLY B 152 -10.72 -8.50 -6.34
N PHE B 153 -11.29 -8.58 -7.55
CA PHE B 153 -12.14 -9.71 -7.92
C PHE B 153 -11.40 -11.05 -7.85
N LEU B 154 -10.13 -11.06 -8.25
CA LEU B 154 -9.32 -12.28 -8.24
C LEU B 154 -9.06 -12.72 -6.80
N LEU B 155 -8.58 -11.75 -6.01
CA LEU B 155 -8.30 -11.93 -4.60
C LEU B 155 -9.57 -12.31 -3.83
N ALA B 156 -10.70 -11.80 -4.32
CA ALA B 156 -11.98 -12.22 -3.80
C ALA B 156 -12.28 -13.69 -4.09
N GLY B 157 -12.05 -14.11 -5.33
CA GLY B 157 -12.24 -15.50 -5.74
C GLY B 157 -11.24 -16.46 -5.11
N VAL B 158 -9.99 -16.01 -5.01
CA VAL B 158 -8.91 -16.71 -4.27
C VAL B 158 -9.35 -16.91 -2.82
N GLY B 159 -9.97 -15.89 -2.24
CA GLY B 159 -10.71 -16.04 -0.99
C GLY B 159 -11.71 -17.20 -0.98
N ASP B 160 -12.76 -17.09 -1.79
CA ASP B 160 -13.81 -18.12 -1.90
C ASP B 160 -13.22 -19.52 -1.88
N GLN B 161 -12.35 -19.82 -2.84
CA GLN B 161 -11.83 -21.18 -3.04
C GLN B 161 -11.16 -21.65 -1.77
N LEU B 162 -10.20 -20.86 -1.31
CA LEU B 162 -9.47 -21.15 -0.08
C LEU B 162 -10.44 -21.31 1.11
N GLY B 163 -11.52 -20.53 1.10
CA GLY B 163 -12.60 -20.68 2.08
C GLY B 163 -13.35 -22.00 1.99
N THR B 164 -13.73 -22.39 0.78
CA THR B 164 -14.44 -23.66 0.57
C THR B 164 -13.54 -24.89 0.78
N ILE B 165 -12.23 -24.75 0.59
CA ILE B 165 -11.25 -25.78 0.97
C ILE B 165 -11.28 -26.05 2.45
N PHE B 166 -11.12 -24.99 3.25
CA PHE B 166 -11.18 -25.09 4.72
C PHE B 166 -12.59 -25.39 5.22
N GLY B 167 -13.61 -25.12 4.40
CA GLY B 167 -15.00 -25.53 4.69
C GLY B 167 -15.22 -27.04 4.71
N LYS B 168 -14.60 -27.75 3.76
CA LYS B 168 -14.54 -29.21 3.78
C LYS B 168 -13.63 -29.71 4.90
N GLY B 169 -12.55 -28.98 5.18
CA GLY B 169 -11.63 -29.29 6.29
C GLY B 169 -12.22 -29.23 7.70
N ILE B 170 -13.25 -28.41 7.90
CA ILE B 170 -13.95 -28.36 9.21
C ILE B 170 -15.16 -29.29 9.28
N ALA B 171 -15.73 -29.70 8.14
CA ALA B 171 -16.78 -30.72 8.12
C ALA B 171 -16.27 -32.04 8.73
N LYS B 172 -15.06 -32.45 8.35
CA LYS B 172 -14.44 -33.69 8.84
C LYS B 172 -14.04 -33.62 10.32
N VAL B 173 -13.47 -32.48 10.73
CA VAL B 173 -13.00 -32.27 12.11
C VAL B 173 -14.13 -31.87 13.09
N GLU B 174 -15.26 -31.35 12.58
CA GLU B 174 -16.47 -31.15 13.40
C GLU B 174 -17.42 -32.38 13.36
N ASP B 175 -16.95 -33.49 12.81
CA ASP B 175 -17.63 -34.79 12.86
C ASP B 175 -17.02 -35.67 13.97
N THR B 176 -15.70 -35.84 13.91
CA THR B 176 -14.96 -36.70 14.86
C THR B 176 -14.87 -36.14 16.29
N PHE B 177 -14.94 -34.82 16.43
CA PHE B 177 -15.05 -34.15 17.75
C PHE B 177 -16.52 -33.89 18.13
N ILE B 178 -17.37 -34.90 17.94
CA ILE B 178 -18.76 -34.90 18.43
C ILE B 178 -18.89 -35.89 19.60
N LYS B 179 -18.28 -35.47 20.73
CA LYS B 179 -18.30 -36.20 22.01
C LYS B 179 -19.46 -35.80 22.96
N TRP B 180 -19.55 -36.48 24.11
CA TRP B 180 -20.63 -36.24 25.11
C TRP B 180 -20.57 -34.85 25.72
N VAL B 182 -21.38 -31.79 23.49
CA VAL B 182 -21.14 -30.93 22.31
C VAL B 182 -22.15 -29.79 22.11
N SER B 183 -21.67 -28.56 22.22
CA SER B 183 -22.44 -27.35 21.85
C SER B 183 -22.10 -26.88 20.43
N GLN B 184 -23.04 -26.15 19.81
CA GLN B 184 -22.87 -25.65 18.43
C GLN B 184 -21.91 -24.47 18.37
N THR B 185 -22.28 -23.35 19.00
CA THR B 185 -21.51 -22.10 19.03
C THR B 185 -20.19 -22.12 19.85
N LYS B 186 -19.93 -23.21 20.58
CA LYS B 186 -18.63 -23.42 21.28
C LYS B 186 -17.63 -24.23 20.45
N ILE B 187 -18.12 -25.03 19.49
CA ILE B 187 -17.22 -25.66 18.51
C ILE B 187 -16.74 -24.67 17.43
N ARG B 188 -17.45 -23.55 17.28
CA ARG B 188 -16.95 -22.39 16.52
C ARG B 188 -15.63 -21.87 17.09
N ILE B 189 -15.49 -21.85 18.42
CA ILE B 189 -14.24 -21.47 19.08
C ILE B 189 -13.07 -22.38 18.69
N ILE B 190 -13.33 -23.69 18.53
CA ILE B 190 -12.26 -24.64 18.23
C ILE B 190 -11.82 -24.55 16.75
N SER B 191 -12.79 -24.26 15.87
CA SER B 191 -12.50 -24.05 14.45
C SER B 191 -11.60 -22.85 14.20
N THR B 192 -11.98 -21.69 14.74
CA THR B 192 -11.20 -20.46 14.54
C THR B 192 -9.80 -20.49 15.14
N ILE B 193 -9.53 -21.43 16.06
CA ILE B 193 -8.19 -21.74 16.52
C ILE B 193 -7.43 -22.53 15.45
N ILE B 194 -8.12 -23.46 14.75
CA ILE B 194 -7.46 -24.24 13.71
C ILE B 194 -7.14 -23.40 12.48
N PHE B 195 -7.97 -22.39 12.21
CA PHE B 195 -7.74 -21.41 11.14
C PHE B 195 -6.49 -20.56 11.39
N ILE B 196 -6.38 -20.02 12.58
CA ILE B 196 -5.23 -19.20 12.97
C ILE B 196 -3.95 -20.05 13.15
N LEU B 197 -4.07 -21.25 13.71
CA LEU B 197 -2.93 -22.13 13.95
C LEU B 197 -2.31 -22.61 12.62
N PHE B 198 -3.10 -23.32 11.81
CA PHE B 198 -2.64 -23.76 10.49
C PHE B 198 -2.30 -22.56 9.62
N GLY B 199 -3.17 -21.53 9.64
CA GLY B 199 -2.97 -20.33 8.86
C GLY B 199 -1.63 -19.67 9.05
N CYS B 200 -1.22 -19.46 10.31
CA CYS B 200 0.10 -18.86 10.61
C CYS B 200 1.29 -19.75 10.28
N VAL B 201 1.06 -21.05 10.07
CA VAL B 201 2.10 -21.95 9.58
C VAL B 201 2.34 -21.75 8.09
N LEU B 202 1.26 -21.80 7.31
CA LEU B 202 1.31 -21.80 5.84
C LEU B 202 1.67 -20.47 5.21
N PHE B 203 1.16 -19.39 5.78
CA PHE B 203 1.29 -18.05 5.22
C PHE B 203 2.19 -17.11 6.02
N VAL B 204 2.82 -17.62 7.09
CA VAL B 204 3.72 -16.80 7.94
C VAL B 204 4.99 -17.54 8.42
N ALA B 205 4.83 -18.71 9.05
CA ALA B 205 5.95 -19.46 9.60
C ALA B 205 6.84 -20.04 8.50
N LEU B 206 6.26 -20.94 7.72
CA LEU B 206 6.96 -21.64 6.66
C LEU B 206 7.58 -20.67 5.61
N PRO B 207 6.82 -19.65 5.15
CA PRO B 207 7.44 -18.71 4.19
C PRO B 207 8.57 -17.87 4.78
N ALA B 208 8.43 -17.44 6.03
CA ALA B 208 9.52 -16.71 6.72
C ALA B 208 10.79 -17.57 6.84
N VAL B 209 10.63 -18.85 7.11
CA VAL B 209 11.75 -19.76 7.14
C VAL B 209 12.47 -19.74 5.81
N ILE B 210 11.72 -19.96 4.73
CA ILE B 210 12.27 -19.97 3.36
C ILE B 210 13.02 -18.67 3.09
N PHE B 211 12.40 -17.54 3.47
CA PHE B 211 13.02 -16.21 3.32
C PHE B 211 14.32 -16.08 4.11
N LYS B 212 14.34 -16.58 5.35
CA LYS B 212 15.55 -16.57 6.17
C LYS B 212 16.67 -17.26 5.40
N HIS B 213 16.41 -18.49 4.94
CA HIS B 213 17.41 -19.27 4.20
C HIS B 213 17.79 -18.57 2.89
N ILE B 214 16.82 -18.26 2.05
CA ILE B 214 17.10 -17.75 0.70
C ILE B 214 17.66 -16.33 0.70
N GLU B 215 16.95 -15.39 1.32
CA GLU B 215 17.38 -13.99 1.33
C GLU B 215 18.59 -13.78 2.21
N GLY B 216 18.63 -14.47 3.35
CA GLY B 216 19.63 -14.23 4.39
C GLY B 216 19.22 -13.11 5.32
N TRP B 217 17.93 -13.04 5.64
CA TRP B 217 17.42 -12.11 6.64
C TRP B 217 17.41 -12.79 7.99
N SER B 218 17.29 -11.98 9.04
CA SER B 218 17.06 -12.49 10.39
C SER B 218 15.67 -13.11 10.52
N ALA B 219 15.49 -13.94 11.54
CA ALA B 219 14.19 -14.55 11.84
C ALA B 219 13.11 -13.49 11.98
N LEU B 220 13.43 -12.39 12.68
CA LEU B 220 12.48 -11.30 12.90
C LEU B 220 12.13 -10.61 11.59
N ASP B 221 13.16 -10.25 10.83
CA ASP B 221 13.00 -9.54 9.57
C ASP B 221 12.05 -10.25 8.60
N ALA B 222 12.19 -11.56 8.47
CA ALA B 222 11.29 -12.36 7.65
C ALA B 222 9.83 -12.18 8.05
N ILE B 223 9.52 -12.41 9.32
CA ILE B 223 8.15 -12.29 9.81
C ILE B 223 7.63 -10.87 9.69
N TYR B 224 8.50 -9.92 9.99
CA TYR B 224 8.23 -8.49 9.78
C TYR B 224 7.86 -8.25 8.31
N PHE B 225 8.76 -8.63 7.39
CA PHE B 225 8.50 -8.58 5.95
C PHE B 225 7.20 -9.26 5.55
N VAL B 226 6.94 -10.44 6.10
CA VAL B 226 5.67 -11.13 5.85
C VAL B 226 4.46 -10.26 6.20
N VAL B 227 4.49 -9.69 7.40
CA VAL B 227 3.35 -8.94 7.91
C VAL B 227 3.22 -7.60 7.20
N ILE B 228 4.33 -6.90 7.03
CA ILE B 228 4.36 -5.60 6.35
C ILE B 228 3.86 -5.68 4.91
N THR B 229 4.20 -6.77 4.20
CA THR B 229 3.75 -7.05 2.84
C THR B 229 2.31 -7.56 2.72
N LEU B 230 1.94 -8.58 3.50
CA LEU B 230 0.57 -9.11 3.45
C LEU B 230 -0.51 -8.17 4.02
N THR B 231 -0.15 -7.23 4.90
CA THR B 231 -1.08 -6.15 5.29
C THR B 231 -1.18 -5.04 4.24
N THR B 232 -0.37 -5.19 3.17
CA THR B 232 -0.23 -4.22 2.07
C THR B 232 0.26 -2.87 2.54
N ILE B 233 1.00 -2.85 3.63
CA ILE B 233 1.59 -1.62 4.11
C ILE B 233 2.74 -1.34 3.14
N GLY B 234 3.61 -2.31 3.01
CA GLY B 234 4.65 -2.30 2.00
C GLY B 234 5.66 -1.18 2.08
N PHE B 235 6.13 -0.86 3.27
CA PHE B 235 7.29 0.04 3.42
C PHE B 235 8.28 -0.16 2.29
N GLY B 236 8.73 -1.42 2.16
CA GLY B 236 9.74 -1.81 1.20
C GLY B 236 11.15 -1.74 1.73
N ASP B 237 11.30 -1.67 3.07
CA ASP B 237 12.64 -1.79 3.70
C ASP B 237 13.26 -3.18 3.51
N TYR B 238 12.43 -4.22 3.40
CA TYR B 238 12.86 -5.52 2.89
C TYR B 238 11.93 -5.95 1.76
N VAL B 239 12.52 -6.58 0.73
CA VAL B 239 11.80 -7.02 -0.46
C VAL B 239 12.35 -8.37 -0.94
N ALA B 240 11.45 -9.33 -1.12
CA ALA B 240 11.83 -10.65 -1.60
C ALA B 240 12.15 -10.55 -3.08
N GLY B 241 13.32 -11.01 -3.47
CA GLY B 241 13.78 -10.88 -4.85
C GLY B 241 14.69 -9.68 -5.09
N GLY B 242 14.75 -8.76 -4.13
CA GLY B 242 15.40 -7.44 -4.32
C GLY B 242 16.90 -7.32 -4.61
N SER B 243 17.71 -8.19 -4.00
CA SER B 243 19.18 -8.16 -4.21
C SER B 243 19.57 -8.97 -5.45
N ASP B 244 20.84 -8.89 -5.86
CA ASP B 244 21.33 -9.61 -7.06
C ASP B 244 21.85 -11.03 -6.74
N ILE B 245 21.28 -11.73 -5.74
CA ILE B 245 21.98 -12.91 -5.19
C ILE B 245 22.32 -13.98 -6.25
N GLU B 246 21.36 -14.86 -6.56
CA GLU B 246 21.56 -15.93 -7.53
C GLU B 246 20.16 -16.24 -8.05
N TYR B 247 19.28 -16.71 -7.14
CA TYR B 247 17.87 -17.00 -7.34
C TYR B 247 17.53 -18.19 -8.23
N LEU B 248 16.71 -19.07 -7.68
CA LEU B 248 16.37 -20.32 -8.33
C LEU B 248 15.32 -20.08 -9.44
N ASP B 249 14.49 -19.06 -9.33
CA ASP B 249 13.33 -18.84 -10.24
C ASP B 249 12.34 -20.03 -10.32
N PHE B 250 12.56 -21.08 -9.55
CA PHE B 250 11.50 -21.77 -8.81
C PHE B 250 10.98 -20.82 -7.69
N TYR B 251 11.90 -20.02 -7.13
CA TYR B 251 11.62 -19.09 -6.01
C TYR B 251 10.57 -18.04 -6.33
N LYS B 252 10.95 -17.11 -7.21
CA LYS B 252 10.11 -15.93 -7.49
C LYS B 252 8.65 -16.25 -7.85
N PRO B 253 8.43 -17.24 -8.73
CA PRO B 253 7.05 -17.60 -8.94
C PRO B 253 6.37 -18.09 -7.66
N VAL B 254 7.02 -18.95 -6.88
CA VAL B 254 6.39 -19.42 -5.63
C VAL B 254 6.00 -18.27 -4.70
N VAL B 255 6.73 -17.16 -4.74
CA VAL B 255 6.36 -15.98 -3.97
C VAL B 255 5.11 -15.29 -4.56
N TRP B 256 5.00 -15.20 -5.89
CA TRP B 256 3.79 -14.64 -6.51
C TRP B 256 2.54 -15.34 -6.00
N PHE B 257 2.62 -16.68 -5.95
CA PHE B 257 1.54 -17.54 -5.45
C PHE B 257 1.28 -17.30 -3.97
N TRP B 258 2.37 -17.24 -3.18
CA TRP B 258 2.28 -16.93 -1.76
C TRP B 258 1.51 -15.63 -1.54
N ILE B 259 1.92 -14.57 -2.24
CA ILE B 259 1.24 -13.27 -2.19
C ILE B 259 -0.24 -13.37 -2.53
N LEU B 260 -0.55 -14.06 -3.62
CA LEU B 260 -1.95 -14.25 -3.98
C LEU B 260 -2.74 -14.88 -2.83
N VAL B 261 -2.20 -15.91 -2.19
CA VAL B 261 -2.97 -16.63 -1.17
C VAL B 261 -2.79 -16.02 0.24
N GLY B 262 -1.62 -15.50 0.52
CA GLY B 262 -1.35 -14.76 1.75
C GLY B 262 -2.22 -13.51 1.91
N LEU B 263 -2.32 -12.72 0.85
CA LEU B 263 -3.18 -11.53 0.88
C LEU B 263 -4.62 -11.91 1.17
N ALA B 264 -5.08 -13.02 0.59
CA ALA B 264 -6.41 -13.54 0.87
C ALA B 264 -6.59 -13.84 2.37
N TYR B 265 -5.61 -14.56 2.92
CA TYR B 265 -5.60 -14.97 4.32
C TYR B 265 -5.68 -13.75 5.26
N PHE B 266 -4.67 -12.89 5.20
CA PHE B 266 -4.65 -11.65 5.99
C PHE B 266 -5.91 -10.81 5.86
N ALA B 267 -6.59 -10.88 4.72
CA ALA B 267 -7.85 -10.15 4.55
C ALA B 267 -8.92 -10.64 5.51
N ALA B 268 -8.99 -11.96 5.66
CA ALA B 268 -9.85 -12.58 6.65
C ALA B 268 -9.38 -12.31 8.07
N VAL B 269 -8.13 -12.65 8.34
CA VAL B 269 -7.50 -12.43 9.65
C VAL B 269 -7.72 -11.02 10.18
N LEU B 270 -7.43 -10.03 9.36
CA LEU B 270 -7.70 -8.64 9.72
C LEU B 270 -9.19 -8.46 9.95
N SER B 271 -10.02 -9.04 9.08
CA SER B 271 -11.47 -8.98 9.28
C SER B 271 -11.94 -9.59 10.61
N MET B 272 -11.33 -10.71 11.02
CA MET B 272 -11.60 -11.31 12.33
C MET B 272 -11.23 -10.35 13.42
N ILE B 273 -9.97 -9.93 13.41
CA ILE B 273 -9.50 -8.97 14.40
C ILE B 273 -10.48 -7.80 14.47
N GLY B 274 -10.98 -7.35 13.34
CA GLY B 274 -11.99 -6.31 13.30
C GLY B 274 -13.24 -6.64 14.10
N ASP B 275 -13.75 -7.86 13.95
CA ASP B 275 -14.95 -8.29 14.68
C ASP B 275 -14.71 -8.46 16.19
N TRP B 276 -13.53 -8.94 16.56
CA TRP B 276 -13.15 -9.04 17.98
C TRP B 276 -13.24 -7.70 18.68
N LEU B 277 -12.72 -6.67 18.01
CA LEU B 277 -12.83 -5.29 18.48
C LEU B 277 -14.29 -4.87 18.66
N ARG B 278 -15.15 -5.19 17.69
CA ARG B 278 -16.59 -4.89 17.79
C ARG B 278 -17.15 -5.37 19.12
N VAL B 279 -16.76 -6.60 19.47
CA VAL B 279 -17.19 -7.28 20.66
C VAL B 279 -16.59 -6.64 21.90
N ILE B 280 -15.27 -6.62 21.97
CA ILE B 280 -14.53 -5.92 23.05
C ILE B 280 -15.12 -4.53 23.33
N ALA B 281 -15.55 -3.85 22.27
CA ALA B 281 -16.15 -2.53 22.37
C ALA B 281 -17.53 -2.52 23.01
N LYS B 282 -18.39 -3.50 22.70
CA LYS B 282 -19.70 -3.60 23.37
C LYS B 282 -19.42 -3.83 24.82
N LYS B 283 -18.64 -4.88 25.09
CA LYS B 283 -18.31 -5.25 26.46
C LYS B 283 -17.81 -4.04 27.24
N THR B 284 -16.77 -3.39 26.76
CA THR B 284 -16.23 -2.24 27.48
C THR B 284 -17.22 -1.07 27.56
N LYS B 285 -18.11 -0.92 26.59
CA LYS B 285 -19.13 0.13 26.66
C LYS B 285 -20.14 -0.14 27.79
N GLU B 286 -20.54 -1.39 27.96
CA GLU B 286 -21.50 -1.75 29.03
C GLU B 286 -20.84 -1.94 30.39
N ALA B 287 -19.53 -2.18 30.40
CA ALA B 287 -18.76 -2.23 31.64
C ALA B 287 -18.62 -0.86 32.25
N VAL B 288 -18.46 0.17 31.44
CA VAL B 288 -18.54 1.55 31.93
C VAL B 288 -19.97 1.86 32.41
N GLY B 289 -20.96 1.33 31.67
CA GLY B 289 -22.37 1.41 32.09
C GLY B 289 -22.59 0.84 33.50
N GLU B 290 -21.92 -0.28 33.78
CA GLU B 290 -21.91 -0.89 35.12
C GLU B 290 -21.15 -0.01 36.10
N PHE B 291 -19.89 0.26 35.83
CA PHE B 291 -19.02 1.09 36.69
C PHE B 291 -19.71 2.35 37.20
N ARG B 292 -20.37 3.09 36.31
CA ARG B 292 -21.18 4.24 36.75
C ARG B 292 -22.32 3.83 37.70
N ALA B 293 -23.04 2.77 37.32
CA ALA B 293 -24.25 2.37 38.06
C ALA B 293 -24.02 1.89 39.50
N HIS B 294 -22.84 1.32 39.77
CA HIS B 294 -22.44 0.97 41.14
C HIS B 294 -21.71 2.12 41.84
N ALA B 295 -20.79 2.77 41.13
CA ALA B 295 -19.85 3.81 41.64
C ALA B 295 -19.61 3.97 43.16
N ALA B 296 -19.00 2.94 43.72
CA ALA B 296 -18.78 2.80 45.17
C ALA B 296 -20.14 2.62 45.87
N GLU B 297 -20.59 1.37 45.90
CA GLU B 297 -21.88 0.97 46.52
C GLU B 297 -23.11 1.43 45.74
K K C . 6.90 2.27 0.19
K K D . 0.86 0.38 0.61
C10 Q6F E . 4.72 14.24 7.63
C13 Q6F E . 3.16 14.34 7.72
C15 Q6F E . 5.56 14.78 8.60
C17 Q6F E . 6.96 14.70 8.43
C20 Q6F E . 11.32 12.75 6.96
C21 Q6F E . 0.33 10.96 5.38
C22 Q6F E . -0.54 11.39 7.58
C09 Q6F E . 0.95 14.59 6.27
C11 Q6F E . 7.46 14.09 7.28
C12 Q6F E . 0.49 13.16 6.31
C14 Q6F E . 5.27 13.64 6.49
C16 Q6F E . 6.63 13.57 6.32
C18 Q6F E . 0.73 12.26 5.25
C19 Q6F E . -0.13 12.70 7.46
C23 Q6F E . -0.28 10.53 6.53
N07 Q6F E . 2.42 14.48 6.45
N08 Q6F E . 8.91 14.16 7.23
O04 Q6F E . 2.66 14.44 8.79
O05 Q6F E . 10.20 13.62 9.28
O06 Q6F E . 9.01 11.93 8.19
S03 Q6F E . 9.86 13.08 7.98
CL1 Q6F E . 1.51 12.69 3.73
CL2 Q6F E . -0.76 8.87 6.58
K K F . 3.70 1.26 0.44
K K G . -2.15 -0.56 0.82
C1 OCT H . -5.20 -26.34 -6.23
C2 OCT H . -6.36 -26.91 -7.03
C3 OCT H . -7.69 -26.81 -6.28
C4 OCT H . -8.78 -27.23 -7.26
C5 OCT H . -10.19 -27.29 -6.68
C6 OCT H . -11.25 -27.18 -7.78
C7 OCT H . -11.22 -28.35 -8.79
C8 OCT H . -10.24 -28.14 -9.95
C1 OCT I . -4.10 19.72 0.73
C2 OCT I . -5.49 19.35 1.26
C3 OCT I . -6.46 20.53 1.34
C4 OCT I . -7.78 20.30 0.58
C5 OCT I . -8.74 19.33 1.30
C6 OCT I . -10.14 19.93 1.57
C7 OCT I . -10.82 20.47 0.30
C8 OCT I . -12.34 20.22 0.32
C1 LNK J . -7.25 16.99 11.98
C2 LNK J . -6.24 15.99 12.56
C3 LNK J . -5.23 16.68 13.50
C4 LNK J . -4.11 15.72 13.94
C5 LNK J . -2.77 16.45 14.12
C1 D12 K . -9.65 0.00 -20.55
C2 D12 K . -10.37 -1.32 -20.85
C3 D12 K . -10.50 -2.21 -19.61
C4 D12 K . -10.54 -3.69 -20.01
C5 D12 K . -11.47 -4.51 -19.11
C6 D12 K . -11.55 -5.94 -19.65
C7 D12 K . -12.68 -6.73 -18.97
C8 D12 K . -12.65 -8.20 -19.42
C9 D12 K . -13.60 -9.05 -18.55
C10 D12 K . -13.90 -10.38 -19.27
C11 D12 K . -14.22 -11.48 -18.26
C12 D12 K . -14.68 -12.75 -18.98
C1 D12 L . -6.23 -6.18 -20.66
C2 D12 L . -7.14 -7.11 -21.47
C3 D12 L . -8.16 -6.30 -22.28
C4 D12 L . -9.41 -7.11 -22.64
C5 D12 L . -9.07 -8.45 -23.30
C6 D12 L . -10.32 -9.27 -23.64
C7 D12 L . -10.63 -10.37 -22.61
C8 D12 L . -10.64 -11.77 -23.24
C9 D12 L . -11.43 -12.81 -22.42
C10 D12 L . -12.95 -12.71 -22.61
C11 D12 L . -13.63 -14.08 -22.78
C12 D12 L . -15.09 -14.03 -22.30
CD CD M . 20.08 -4.00 -8.20
CD CD N . -25.10 -2.42 37.51
CD CD O . 15.25 -9.81 -13.31
C10 Q6F P . 10.71 -9.27 -7.57
C13 Q6F P . 9.44 -10.13 -7.27
C15 Q6F P . 11.24 -8.41 -6.61
C17 Q6F P . 12.40 -7.67 -6.89
C20 Q6F P . 14.67 -4.56 -6.83
C21 Q6F P . 5.62 -8.86 -4.56
C22 Q6F P . 4.90 -9.87 -6.61
C09 Q6F P . 8.16 -11.53 -5.62
C11 Q6F P . 12.98 -7.80 -8.14
C12 Q6F P . 6.93 -10.61 -5.57
C14 Q6F P . 11.32 -9.40 -8.82
C16 Q6F P . 12.45 -8.67 -9.10
C18 Q6F P . 6.73 -9.68 -4.52
C19 Q6F P . 6.01 -10.68 -6.59
C23 Q6F P . 4.70 -8.95 -5.59
N07 Q6F P . 9.31 -10.74 -5.96
N08 Q6F P . 14.21 -6.99 -8.24
O04 Q6F P . 8.63 -10.32 -8.12
O05 Q6F P . 15.18 -4.97 -9.46
O06 Q6F P . 12.98 -4.84 -8.94
S03 Q6F P . 14.23 -5.33 -8.41
CL1 Q6F P . 7.85 -9.51 -3.12
CL2 Q6F P . 3.26 -7.91 -5.59
C27 R16 Q . -3.22 -9.41 18.17
C28 R16 Q . -1.73 -9.65 17.89
C29 R16 Q . -1.07 -10.56 18.93
C30 R16 Q . 0.03 -11.46 18.33
C31 R16 Q . 1.32 -10.70 17.99
C32 R16 Q . 2.54 -11.64 17.81
C33 R16 Q . 3.86 -10.95 18.18
C34 R16 Q . 5.01 -11.37 17.25
C35 R16 Q . 6.12 -12.08 18.05
C36 R16 Q . 7.32 -12.38 17.14
C37 R16 Q . 8.63 -12.51 17.95
C38 R16 Q . 9.46 -13.74 17.52
C39 R16 Q . 10.95 -13.38 17.35
C40 R16 Q . 11.75 -14.60 16.85
C41 R16 Q . 13.26 -14.34 16.83
C42 R16 Q . 14.03 -15.63 16.50
C27 R16 R . -4.90 -16.21 19.57
C28 R16 R . -4.03 -15.60 20.68
C29 R16 R . -3.35 -14.28 20.26
C30 R16 R . -1.91 -14.41 19.69
C31 R16 R . -1.64 -15.61 18.77
C32 R16 R . -0.27 -15.46 18.08
C33 R16 R . 0.03 -16.60 17.08
C34 R16 R . 0.52 -16.08 15.71
C35 R16 R . 1.93 -15.44 15.70
C36 R16 R . 2.79 -15.80 14.45
C37 R16 R . 4.30 -15.61 14.68
C38 R16 R . 5.18 -16.87 14.54
C39 R16 R . 5.86 -17.35 15.84
C40 R16 R . 7.39 -17.11 15.91
C41 R16 R . 8.21 -18.36 15.53
C42 R16 R . 9.70 -18.05 15.46
C1 OCT S . -12.94 5.34 26.29
C2 OCT S . -11.90 5.11 25.17
C3 OCT S . -10.43 5.04 25.64
C4 OCT S . -9.53 4.31 24.61
C5 OCT S . -8.05 4.13 25.02
C6 OCT S . -7.31 3.34 23.92
C7 OCT S . -5.83 3.07 24.28
C8 OCT S . -5.21 1.91 23.47
C1 OCT T . 5.72 -20.10 0.01
C2 OCT T . 4.90 -21.37 -0.22
C3 OCT T . 3.48 -21.30 0.38
C4 OCT T . 2.63 -22.47 -0.11
C5 OCT T . 3.08 -23.83 0.46
C6 OCT T . 3.93 -24.68 -0.50
C7 OCT T . 3.54 -26.17 -0.55
C8 OCT T . 4.75 -27.11 -0.41
C1 LNK U . -12.08 2.43 27.51
C2 LNK U . -11.23 1.80 26.40
C3 LNK U . -9.75 1.79 26.83
C4 LNK U . -8.95 1.05 25.75
C5 LNK U . -7.46 0.97 26.09
C1 LNK V . 3.29 10.47 -22.74
C2 LNK V . 3.04 8.96 -22.78
C3 LNK V . 1.58 8.57 -22.46
C4 LNK V . 1.46 7.07 -22.16
C5 LNK V . 0.00 6.64 -22.00
C1 D10 W . 10.29 -13.71 -12.87
C2 D10 W . 9.27 -14.84 -12.61
C3 D10 W . 7.83 -14.30 -12.50
C4 D10 W . 6.85 -15.23 -13.23
C5 D10 W . 5.37 -15.02 -12.82
C6 D10 W . 4.54 -16.31 -12.82
C7 D10 W . 3.19 -16.23 -12.05
C8 D10 W . 2.45 -14.88 -12.19
C9 D10 W . 1.08 -14.87 -11.47
C10 D10 W . 0.50 -13.46 -11.42
K K X . 16.28 5.19 -0.20
#